data_6JD7
#
_entry.id   6JD7
#
_cell.length_a   105.559
_cell.length_b   73.532
_cell.length_c   81.087
_cell.angle_alpha   90.00
_cell.angle_beta   129.80
_cell.angle_gamma   90.00
#
_symmetry.space_group_name_H-M   'C 1 2 1'
#
loop_
_entity.id
_entity.type
_entity.pdbx_description
1 polymer AcrIIC2
2 non-polymer 'MAGNESIUM ION'
3 non-polymer 'ACETATE ION'
4 water water
#
_entity_poly.entity_id   1
_entity_poly.type   'polypeptide(L)'
_entity_poly.pdbx_seq_one_letter_code
;SMSKNNIFNKYPTIIHGEARGENDEFVVHTRYPRFLARKSFDDNFTGEMPAKPVNGELGQIGEPRRLAYDSRLGLWLSDF
IMLDNNKPKNMEDWLGQLKAACDRIAADDLMLNEDAADLEGWDD
;
_entity_poly.pdbx_strand_id   A,B,C
#
# COMPACT_ATOMS: atom_id res chain seq x y z
N SER A 1 -16.22 3.05 -16.47
CA SER A 1 -17.34 2.58 -15.69
C SER A 1 -17.25 3.14 -14.29
N MET A 2 -18.31 3.82 -13.80
CA MET A 2 -18.37 4.33 -12.42
C MET A 2 -18.39 3.15 -11.50
N SER A 3 -19.09 2.10 -11.86
CA SER A 3 -19.06 0.94 -11.04
C SER A 3 -17.70 0.34 -11.02
N LYS A 4 -17.08 0.18 -12.14
CA LYS A 4 -15.76 -0.35 -12.13
C LYS A 4 -14.77 0.55 -11.45
N ASN A 5 -14.94 1.84 -11.50
CA ASN A 5 -14.05 2.74 -10.87
C ASN A 5 -14.19 2.74 -9.42
N ASN A 6 -15.38 2.47 -8.94
CA ASN A 6 -15.55 2.42 -7.56
C ASN A 6 -14.88 1.21 -7.04
N ILE A 7 -14.85 0.12 -7.77
CA ILE A 7 -14.08 -1.04 -7.32
C ILE A 7 -12.58 -0.74 -7.35
N PHE A 8 -12.12 0.02 -8.36
CA PHE A 8 -10.70 0.36 -8.44
C PHE A 8 -10.24 1.12 -7.20
N ASN A 9 -11.09 2.03 -6.70
CA ASN A 9 -10.72 2.85 -5.55
C ASN A 9 -10.53 2.07 -4.24
N LYS A 10 -11.04 0.85 -4.13
CA LYS A 10 -10.73 0.00 -2.99
C LYS A 10 -9.34 -0.63 -3.06
N TYR A 11 -8.57 -0.36 -4.14
CA TYR A 11 -7.21 -0.83 -4.27
C TYR A 11 -6.24 0.27 -3.88
N PRO A 12 -5.02 -0.08 -3.48
CA PRO A 12 -3.98 0.93 -3.32
C PRO A 12 -3.72 1.65 -4.64
N THR A 13 -3.27 2.89 -4.53
CA THR A 13 -3.11 3.72 -5.71
C THR A 13 -2.05 3.16 -6.64
N ILE A 14 -0.93 2.72 -6.09
CA ILE A 14 0.20 2.26 -6.88
C ILE A 14 0.45 0.80 -6.54
N ILE A 15 0.43 -0.05 -7.56
CA ILE A 15 0.72 -1.47 -7.38
C ILE A 15 1.96 -1.79 -8.20
N HIS A 16 2.93 -2.40 -7.57
CA HIS A 16 4.15 -2.83 -8.21
C HIS A 16 4.11 -4.32 -8.55
N GLY A 17 4.37 -4.66 -9.79
CA GLY A 17 4.33 -6.00 -10.28
C GLY A 17 5.58 -6.63 -10.74
N GLU A 18 5.60 -7.94 -10.75
CA GLU A 18 6.70 -8.75 -11.23
C GLU A 18 6.14 -9.95 -12.01
N ALA A 19 6.95 -10.63 -12.77
CA ALA A 19 6.51 -11.81 -13.46
C ALA A 19 7.63 -12.80 -13.54
N ARG A 20 7.32 -14.07 -13.45
CA ARG A 20 8.32 -15.09 -13.54
C ARG A 20 8.90 -15.12 -14.92
N GLY A 21 10.20 -15.23 -15.01
CA GLY A 21 10.87 -15.20 -16.29
C GLY A 21 11.13 -13.83 -16.88
N GLU A 22 10.82 -12.75 -16.16
CA GLU A 22 10.99 -11.41 -16.68
C GLU A 22 11.89 -10.58 -15.78
N ASN A 23 12.77 -9.80 -16.39
CA ASN A 23 13.56 -8.83 -15.63
C ASN A 23 12.87 -7.48 -15.59
N ASP A 24 12.07 -7.15 -16.60
CA ASP A 24 11.21 -5.97 -16.50
C ASP A 24 10.17 -6.21 -15.42
N GLU A 25 9.73 -5.13 -14.81
CA GLU A 25 8.70 -5.08 -13.78
C GLU A 25 7.47 -4.37 -14.33
N PHE A 26 6.48 -4.21 -13.50
CA PHE A 26 5.21 -3.74 -13.91
C PHE A 26 4.54 -2.83 -12.95
N VAL A 27 3.56 -2.09 -13.43
CA VAL A 27 2.85 -1.22 -12.57
C VAL A 27 1.38 -1.05 -12.87
N VAL A 28 0.56 -0.89 -11.85
CA VAL A 28 -0.82 -0.59 -12.04
C VAL A 28 -1.16 0.67 -11.30
N HIS A 29 -1.79 1.59 -11.96
CA HIS A 29 -2.22 2.85 -11.36
C HIS A 29 -3.74 2.83 -11.35
N THR A 30 -4.31 2.72 -10.15
CA THR A 30 -5.74 2.51 -9.94
C THR A 30 -6.52 3.79 -9.69
N ARG A 31 -6.00 4.90 -9.75
CA ARG A 31 -6.63 6.19 -9.64
C ARG A 31 -6.54 6.86 -10.99
N TYR A 32 -7.39 7.78 -11.31
CA TYR A 32 -7.38 8.43 -12.61
C TYR A 32 -6.13 9.18 -12.93
N PRO A 33 -5.57 8.99 -14.09
CA PRO A 33 -5.93 8.08 -15.16
C PRO A 33 -5.41 6.72 -14.89
N ARG A 34 -6.24 5.73 -14.93
CA ARG A 34 -5.87 4.38 -14.65
C ARG A 34 -5.13 3.62 -15.71
N PHE A 35 -4.08 2.93 -15.38
CA PHE A 35 -3.38 2.24 -16.46
C PHE A 35 -2.58 1.06 -15.92
N LEU A 36 -2.10 0.26 -16.87
CA LEU A 36 -1.13 -0.79 -16.65
C LEU A 36 0.07 -0.40 -17.48
N ALA A 37 1.26 -0.56 -16.91
CA ALA A 37 2.44 -0.17 -17.65
C ALA A 37 3.58 -1.12 -17.32
N ARG A 38 4.55 -1.17 -18.21
CA ARG A 38 5.78 -1.92 -18.01
C ARG A 38 6.78 -0.94 -17.41
N LYS A 39 7.44 -1.36 -16.34
CA LYS A 39 8.43 -0.58 -15.62
C LYS A 39 9.78 -1.23 -15.88
N SER A 40 10.65 -0.52 -16.57
CA SER A 40 11.95 -1.02 -16.92
C SER A 40 13.13 -0.18 -16.45
N PHE A 41 14.26 -0.81 -16.27
CA PHE A 41 15.39 -0.14 -15.75
C PHE A 41 16.59 -0.12 -16.66
N ASP A 42 17.28 0.99 -16.66
CA ASP A 42 18.48 1.14 -17.40
C ASP A 42 19.58 0.29 -16.76
N ASP A 43 20.60 -0.07 -17.49
CA ASP A 43 21.70 -0.80 -16.91
C ASP A 43 22.34 -0.07 -15.71
N ASN A 44 22.56 1.22 -15.83
CA ASN A 44 23.12 1.98 -14.74
C ASN A 44 22.23 2.26 -13.54
N PHE A 45 20.96 1.91 -13.58
CA PHE A 45 20.00 2.10 -12.53
C PHE A 45 20.50 1.66 -11.18
N THR A 46 20.39 2.55 -10.21
CA THR A 46 20.83 2.31 -8.85
C THR A 46 19.74 1.91 -7.91
N GLY A 47 18.62 2.57 -8.04
CA GLY A 47 17.50 2.29 -7.18
C GLY A 47 17.47 3.14 -5.93
N GLU A 48 18.32 4.10 -5.92
CA GLU A 48 18.45 4.97 -4.81
C GLU A 48 17.51 6.09 -4.75
N MET A 49 17.16 6.50 -3.54
CA MET A 49 16.28 7.62 -3.36
C MET A 49 17.09 8.81 -3.70
N PRO A 50 16.58 9.64 -4.55
CA PRO A 50 17.18 10.84 -5.04
C PRO A 50 16.98 12.01 -4.12
N ALA A 51 17.88 12.96 -4.10
CA ALA A 51 17.72 14.15 -3.26
C ALA A 51 16.60 15.02 -3.71
N LYS A 52 16.57 15.24 -5.01
CA LYS A 52 15.54 16.04 -5.63
C LYS A 52 14.34 15.24 -5.81
N PRO A 53 13.22 15.90 -5.95
CA PRO A 53 11.97 15.24 -6.21
C PRO A 53 11.95 14.76 -7.66
N VAL A 54 11.26 13.65 -7.92
CA VAL A 54 11.21 13.08 -9.26
C VAL A 54 10.53 14.04 -10.21
N ASN A 55 11.18 14.31 -11.35
CA ASN A 55 10.63 15.15 -12.41
C ASN A 55 10.96 14.44 -13.72
N GLY A 56 10.07 13.56 -14.19
CA GLY A 56 10.27 12.81 -15.41
C GLY A 56 9.79 13.56 -16.63
N GLU A 57 9.85 12.89 -17.75
CA GLU A 57 9.32 13.37 -18.96
C GLU A 57 8.47 12.37 -19.77
N LEU A 58 7.34 12.80 -20.29
CA LEU A 58 6.58 11.94 -21.16
C LEU A 58 7.04 12.24 -22.58
N GLY A 59 7.09 11.22 -23.41
CA GLY A 59 7.55 11.44 -24.76
C GLY A 59 7.28 10.23 -25.62
N GLN A 60 7.80 10.17 -26.84
CA GLN A 60 7.65 9.05 -27.77
C GLN A 60 8.96 8.41 -28.08
N ILE A 61 8.96 7.12 -28.13
CA ILE A 61 10.16 6.32 -28.36
C ILE A 61 9.85 5.27 -29.43
N GLY A 62 10.89 4.84 -30.13
CA GLY A 62 10.77 3.76 -31.08
C GLY A 62 10.14 4.17 -32.41
N GLU A 63 10.07 3.18 -33.28
CA GLU A 63 9.47 3.26 -34.60
C GLU A 63 8.62 2.01 -34.75
N PRO A 64 7.28 2.12 -34.76
CA PRO A 64 6.47 3.33 -34.61
C PRO A 64 6.59 4.03 -33.25
N ARG A 65 6.39 5.35 -33.29
CA ARG A 65 6.46 6.18 -32.09
C ARG A 65 5.40 5.79 -31.06
N ARG A 66 5.84 5.42 -29.85
CA ARG A 66 4.94 5.04 -28.76
C ARG A 66 5.18 5.87 -27.52
N LEU A 67 4.10 6.12 -26.79
CA LEU A 67 4.17 6.86 -25.54
C LEU A 67 4.99 6.11 -24.50
N ALA A 68 5.96 6.83 -23.91
CA ALA A 68 6.80 6.30 -22.86
C ALA A 68 7.10 7.42 -21.88
N TYR A 69 7.43 7.01 -20.66
CA TYR A 69 7.77 7.90 -19.57
C TYR A 69 9.23 7.62 -19.18
N ASP A 70 10.03 8.68 -19.15
CA ASP A 70 11.43 8.62 -18.75
C ASP A 70 11.56 9.34 -17.41
N SER A 71 11.81 8.58 -16.35
CA SER A 71 11.94 9.13 -15.01
C SER A 71 13.18 9.96 -14.85
N ARG A 72 14.02 9.94 -15.82
CA ARG A 72 15.31 10.56 -15.73
CA ARG A 72 15.32 10.56 -15.72
C ARG A 72 16.38 9.98 -14.61
N LEU A 73 15.90 8.92 -13.95
CA LEU A 73 16.66 8.24 -12.92
C LEU A 73 16.89 6.77 -13.26
N GLY A 74 16.72 6.38 -14.52
CA GLY A 74 16.89 5.01 -14.94
C GLY A 74 15.61 4.20 -15.06
N LEU A 75 14.51 4.66 -14.46
CA LEU A 75 13.23 3.97 -14.54
C LEU A 75 12.43 4.49 -15.73
N TRP A 76 11.87 3.57 -16.47
CA TRP A 76 11.02 3.83 -17.60
C TRP A 76 9.62 3.26 -17.45
N LEU A 77 8.64 3.93 -17.97
CA LEU A 77 7.32 3.39 -17.99
C LEU A 77 6.91 3.27 -19.41
N SER A 78 6.53 2.09 -19.79
CA SER A 78 6.13 1.86 -21.11
C SER A 78 4.94 0.96 -21.21
N ASP A 79 4.69 0.77 -22.48
CA ASP A 79 3.53 0.12 -23.02
C ASP A 79 2.24 0.44 -22.28
N PHE A 80 2.01 1.70 -22.03
CA PHE A 80 0.81 2.06 -21.39
C PHE A 80 -0.47 1.52 -21.96
N ILE A 81 -1.45 1.03 -21.30
CA ILE A 81 -2.77 0.61 -21.48
C ILE A 81 -3.63 1.33 -20.47
N MET A 82 -4.45 2.17 -20.95
CA MET A 82 -5.38 2.90 -20.16
C MET A 82 -6.54 2.07 -19.76
N LEU A 83 -6.85 2.07 -18.51
CA LEU A 83 -7.90 1.28 -17.98
C LEU A 83 -9.26 1.99 -17.81
N ASP A 84 -9.34 3.22 -18.24
CA ASP A 84 -10.54 4.01 -18.23
C ASP A 84 -10.97 4.05 -19.68
N ASN A 85 -12.25 3.90 -19.95
CA ASN A 85 -12.65 3.94 -21.31
C ASN A 85 -13.00 5.30 -21.87
N ASN A 86 -13.17 6.27 -21.02
CA ASN A 86 -13.47 7.57 -21.49
C ASN A 86 -12.30 8.26 -22.18
N LYS A 87 -12.57 9.08 -23.16
CA LYS A 87 -11.52 9.81 -23.79
C LYS A 87 -11.38 11.09 -23.03
N PRO A 88 -10.17 11.55 -22.84
CA PRO A 88 -10.02 12.75 -22.08
C PRO A 88 -10.52 13.95 -22.83
N LYS A 89 -11.29 14.77 -22.18
CA LYS A 89 -11.84 15.95 -22.85
C LYS A 89 -10.74 16.89 -23.29
N ASN A 90 -9.71 17.08 -22.45
CA ASN A 90 -8.59 17.96 -22.75
C ASN A 90 -7.29 17.16 -22.70
N MET A 91 -6.54 17.17 -23.81
CA MET A 91 -5.33 16.35 -23.91
C MET A 91 -4.15 16.89 -23.09
N GLU A 92 -3.97 18.17 -23.06
CA GLU A 92 -2.87 18.76 -22.34
C GLU A 92 -2.98 18.47 -20.85
N ASP A 93 -4.17 18.55 -20.31
CA ASP A 93 -4.42 18.21 -18.91
C ASP A 93 -4.25 16.71 -18.66
N TRP A 94 -4.66 15.89 -19.63
CA TRP A 94 -4.47 14.44 -19.49
C TRP A 94 -3.00 14.09 -19.43
N LEU A 95 -2.19 14.72 -20.29
CA LEU A 95 -0.75 14.46 -20.27
C LEU A 95 -0.14 14.94 -18.96
N GLY A 96 -0.58 16.09 -18.45
CA GLY A 96 -0.06 16.54 -17.16
C GLY A 96 -0.41 15.59 -16.02
N GLN A 97 -1.65 15.11 -16.00
CA GLN A 97 -2.06 14.18 -14.94
C GLN A 97 -1.33 12.85 -15.05
N LEU A 98 -1.17 12.35 -16.27
CA LEU A 98 -0.44 11.11 -16.49
C LEU A 98 1.02 11.25 -16.07
N LYS A 99 1.64 12.36 -16.43
CA LYS A 99 3.04 12.58 -16.05
C LYS A 99 3.19 12.70 -14.54
N ALA A 100 2.26 13.40 -13.87
CA ALA A 100 2.33 13.51 -12.41
C ALA A 100 2.19 12.15 -11.76
N ALA A 101 1.27 11.32 -12.27
CA ALA A 101 1.12 9.97 -11.74
C ALA A 101 2.39 9.15 -11.96
N CYS A 102 3.02 9.29 -13.12
CA CYS A 102 4.27 8.57 -13.37
C CYS A 102 5.38 9.00 -12.42
N ASP A 103 5.48 10.30 -12.15
CA ASP A 103 6.46 10.77 -11.17
C ASP A 103 6.20 10.15 -9.80
N ARG A 104 4.92 10.10 -9.39
CA ARG A 104 4.59 9.46 -8.12
C ARG A 104 5.01 7.99 -8.12
N ILE A 105 4.75 7.29 -9.23
CA ILE A 105 5.10 5.88 -9.33
C ILE A 105 6.60 5.66 -9.24
N ALA A 106 7.38 6.53 -9.88
CA ALA A 106 8.83 6.35 -9.82
C ALA A 106 9.37 6.57 -8.42
N ALA A 107 8.89 7.62 -7.73
CA ALA A 107 9.36 7.85 -6.36
C ALA A 107 8.92 6.72 -5.43
N ASP A 108 7.69 6.22 -5.62
CA ASP A 108 7.22 5.09 -4.83
C ASP A 108 8.09 3.86 -5.09
N ASP A 109 8.54 3.67 -6.33
CA ASP A 109 9.40 2.53 -6.62
C ASP A 109 10.74 2.67 -5.90
N LEU A 110 11.31 3.88 -5.89
CA LEU A 110 12.56 4.11 -5.17
C LEU A 110 12.40 3.83 -3.69
N MET A 111 11.20 4.00 -3.17
CA MET A 111 11.01 3.65 -1.76
C MET A 111 11.08 2.14 -1.47
N LEU A 112 10.99 1.29 -2.47
CA LEU A 112 11.00 -0.13 -2.25
C LEU A 112 12.26 -0.70 -1.67
N ASN A 113 13.38 -0.21 -2.12
CA ASN A 113 14.65 -0.70 -1.65
C ASN A 113 14.93 -0.20 -0.28
N GLU A 114 14.58 1.03 -0.01
CA GLU A 114 14.77 1.59 1.31
C GLU A 114 13.97 0.83 2.33
N ASP A 115 12.74 0.48 1.98
CA ASP A 115 11.92 -0.28 2.85
C ASP A 115 12.52 -1.62 3.14
N ALA A 116 13.05 -2.27 2.12
CA ALA A 116 13.68 -3.56 2.28
C ALA A 116 14.93 -3.44 3.16
N ALA A 117 15.67 -2.37 2.99
CA ALA A 117 16.82 -2.18 3.83
C ALA A 117 16.37 -2.04 5.27
N ASP A 118 15.31 -1.31 5.54
CA ASP A 118 14.86 -1.25 6.92
C ASP A 118 13.75 -2.26 7.24
N MET B 2 -10.00 -5.20 -27.93
CA MET B 2 -9.53 -5.73 -29.21
C MET B 2 -8.14 -5.18 -29.53
N SER B 3 -8.05 -3.85 -29.71
CA SER B 3 -6.76 -3.18 -29.79
C SER B 3 -6.10 -3.07 -28.42
N LYS B 4 -6.89 -2.89 -27.35
CA LYS B 4 -6.34 -2.94 -26.01
C LYS B 4 -5.95 -4.37 -25.63
N ASN B 5 -6.72 -5.34 -26.12
CA ASN B 5 -6.39 -6.74 -25.88
C ASN B 5 -5.03 -7.10 -26.47
N ASN B 6 -4.68 -6.52 -27.62
CA ASN B 6 -3.39 -6.84 -28.23
C ASN B 6 -2.23 -6.27 -27.43
N ILE B 7 -2.38 -5.04 -26.93
CA ILE B 7 -1.34 -4.49 -26.07
C ILE B 7 -1.25 -5.36 -24.82
N PHE B 8 -2.38 -5.90 -24.35
CA PHE B 8 -2.30 -6.87 -23.27
C PHE B 8 -1.46 -8.06 -23.68
N ASN B 9 -1.56 -8.47 -24.95
CA ASN B 9 -0.76 -9.59 -25.43
C ASN B 9 0.73 -9.31 -25.35
N LYS B 10 1.12 -8.03 -25.26
CA LYS B 10 2.54 -7.75 -25.05
C LYS B 10 3.06 -8.10 -23.64
N TYR B 11 2.18 -8.40 -22.68
CA TYR B 11 2.58 -8.63 -21.29
C TYR B 11 2.69 -10.11 -20.97
N PRO B 12 3.46 -10.45 -19.93
CA PRO B 12 3.38 -11.81 -19.39
C PRO B 12 1.97 -12.11 -18.90
N THR B 13 1.61 -13.39 -18.92
CA THR B 13 0.24 -13.78 -18.63
C THR B 13 -0.14 -13.45 -17.19
N ILE B 14 0.76 -13.71 -16.25
CA ILE B 14 0.50 -13.55 -14.82
C ILE B 14 1.44 -12.49 -14.28
N ILE B 15 0.88 -11.46 -13.64
CA ILE B 15 1.67 -10.41 -13.01
C ILE B 15 1.36 -10.42 -11.53
N HIS B 16 2.39 -10.54 -10.70
CA HIS B 16 2.21 -10.56 -9.25
C HIS B 16 2.59 -9.19 -8.69
N GLY B 17 1.65 -8.58 -7.97
CA GLY B 17 1.82 -7.25 -7.44
C GLY B 17 1.88 -7.19 -5.92
N GLU B 18 2.46 -6.10 -5.45
CA GLU B 18 2.52 -5.73 -4.05
C GLU B 18 2.31 -4.22 -3.98
N ALA B 19 1.90 -3.72 -2.85
CA ALA B 19 1.76 -2.32 -2.66
C ALA B 19 2.33 -1.89 -1.33
N ARG B 20 2.97 -0.76 -1.25
CA ARG B 20 3.50 -0.30 -0.01
C ARG B 20 2.42 -0.07 1.00
N GLY B 21 2.64 -0.56 2.18
CA GLY B 21 1.69 -0.46 3.20
C GLY B 21 0.64 -1.51 3.25
N GLU B 22 0.70 -2.53 2.44
CA GLU B 22 -0.28 -3.59 2.45
C GLU B 22 0.30 -4.90 2.61
N ASN B 23 -0.39 -5.75 3.32
CA ASN B 23 0.07 -7.11 3.43
C ASN B 23 -0.57 -7.96 2.35
N ASP B 24 -1.70 -7.52 1.85
CA ASP B 24 -2.35 -8.16 0.75
C ASP B 24 -1.51 -7.91 -0.50
N GLU B 25 -1.50 -8.87 -1.36
CA GLU B 25 -0.82 -8.82 -2.63
C GLU B 25 -1.86 -8.72 -3.73
N PHE B 26 -1.39 -8.57 -4.97
CA PHE B 26 -2.27 -8.31 -6.10
C PHE B 26 -1.88 -9.20 -7.27
N VAL B 27 -2.79 -9.32 -8.22
CA VAL B 27 -2.53 -10.07 -9.44
C VAL B 27 -3.19 -9.38 -10.62
N VAL B 28 -2.53 -9.44 -11.76
CA VAL B 28 -3.10 -9.01 -13.03
C VAL B 28 -3.03 -10.20 -13.98
N HIS B 29 -4.18 -10.56 -14.56
CA HIS B 29 -4.25 -11.63 -15.55
C HIS B 29 -4.49 -10.96 -16.90
N THR B 30 -3.50 -11.06 -17.79
CA THR B 30 -3.45 -10.34 -19.06
C THR B 30 -3.93 -11.15 -20.26
N ARG B 31 -4.34 -12.40 -20.05
CA ARG B 31 -4.97 -13.19 -21.09
C ARG B 31 -6.44 -13.34 -20.73
N TYR B 32 -7.25 -13.67 -21.73
CA TYR B 32 -8.68 -13.82 -21.47
C TYR B 32 -8.92 -14.94 -20.47
N PRO B 33 -9.81 -14.75 -19.49
CA PRO B 33 -10.44 -13.46 -19.16
C PRO B 33 -9.48 -12.58 -18.37
N ARG B 34 -9.33 -11.33 -18.78
CA ARG B 34 -8.39 -10.43 -18.14
C ARG B 34 -8.98 -9.74 -16.92
N PHE B 35 -8.19 -9.65 -15.86
CA PHE B 35 -8.72 -8.98 -14.68
C PHE B 35 -7.58 -8.53 -13.77
N LEU B 36 -7.96 -7.75 -12.76
CA LEU B 36 -7.12 -7.39 -11.64
C LEU B 36 -7.80 -7.94 -10.41
N ALA B 37 -7.01 -8.51 -9.51
CA ALA B 37 -7.58 -9.12 -8.32
C ALA B 37 -6.65 -8.91 -7.14
N ARG B 38 -7.19 -9.13 -5.98
CA ARG B 38 -6.49 -9.03 -4.76
C ARG B 38 -6.10 -10.44 -4.37
N LYS B 39 -4.86 -10.67 -4.00
CA LYS B 39 -4.34 -11.98 -3.62
C LYS B 39 -4.03 -11.91 -2.14
N SER B 40 -4.79 -12.66 -1.34
CA SER B 40 -4.68 -12.61 0.10
C SER B 40 -4.39 -14.01 0.64
N PHE B 41 -3.79 -14.08 1.79
CA PHE B 41 -3.41 -15.32 2.37
C PHE B 41 -3.89 -15.55 3.74
N ASP B 42 -4.28 -16.78 3.98
CA ASP B 42 -4.75 -17.25 5.26
C ASP B 42 -3.63 -17.24 6.22
N ASP B 43 -3.91 -17.17 7.49
CA ASP B 43 -2.87 -17.16 8.47
C ASP B 43 -1.96 -18.37 8.44
N ASN B 44 -2.48 -19.53 8.18
CA ASN B 44 -1.65 -20.67 8.17
C ASN B 44 -1.03 -21.11 6.87
N PHE B 45 -1.12 -20.25 5.86
CA PHE B 45 -0.58 -20.47 4.54
C PHE B 45 0.88 -20.78 4.67
N THR B 46 1.31 -21.87 4.04
CA THR B 46 2.67 -22.28 4.13
C THR B 46 3.45 -21.89 2.92
N GLY B 47 2.80 -21.95 1.79
CA GLY B 47 3.46 -21.65 0.54
C GLY B 47 4.26 -22.79 -0.02
N GLU B 48 4.18 -23.96 0.61
CA GLU B 48 4.91 -25.14 0.16
C GLU B 48 4.13 -25.82 -0.98
N MET B 49 4.84 -26.24 -2.00
CA MET B 49 4.22 -26.77 -3.18
C MET B 49 3.32 -27.92 -2.90
N PRO B 50 2.14 -27.96 -3.53
CA PRO B 50 1.21 -29.05 -3.25
C PRO B 50 1.61 -30.30 -4.01
N ALA B 51 1.29 -31.45 -3.41
CA ALA B 51 1.59 -32.73 -4.06
C ALA B 51 0.74 -32.90 -5.30
N LYS B 52 -0.55 -32.58 -5.20
CA LYS B 52 -1.48 -32.63 -6.31
C LYS B 52 -1.59 -31.27 -6.97
N PRO B 53 -2.08 -31.20 -8.21
CA PRO B 53 -2.24 -29.90 -8.86
C PRO B 53 -3.27 -29.04 -8.13
N VAL B 54 -3.02 -27.72 -8.15
CA VAL B 54 -3.95 -26.77 -7.54
C VAL B 54 -5.33 -26.97 -8.14
N ASN B 55 -6.34 -27.15 -7.28
CA ASN B 55 -7.74 -27.33 -7.68
C ASN B 55 -8.59 -26.49 -6.72
N GLY B 56 -8.73 -25.21 -7.04
CA GLY B 56 -9.49 -24.29 -6.19
C GLY B 56 -10.95 -24.29 -6.56
N GLU B 57 -11.73 -23.46 -5.85
CA GLU B 57 -13.11 -23.25 -6.26
C GLU B 57 -13.50 -21.78 -6.22
N LEU B 58 -14.40 -21.43 -7.13
CA LEU B 58 -15.02 -20.12 -7.18
C LEU B 58 -16.31 -20.19 -6.38
N GLY B 59 -16.64 -19.07 -5.74
CA GLY B 59 -17.85 -19.02 -4.95
C GLY B 59 -18.12 -17.59 -4.53
N GLN B 60 -19.05 -17.44 -3.58
CA GLN B 60 -19.44 -16.14 -3.10
C GLN B 60 -19.14 -16.04 -1.61
N ILE B 61 -18.61 -14.89 -1.21
CA ILE B 61 -18.21 -14.67 0.18
C ILE B 61 -18.75 -13.34 0.64
N GLY B 62 -19.00 -13.25 1.94
CA GLY B 62 -19.42 -12.02 2.56
C GLY B 62 -20.89 -11.70 2.35
N GLU B 63 -21.29 -10.59 2.96
CA GLU B 63 -22.65 -10.06 2.83
C GLU B 63 -22.47 -8.57 2.57
N PRO B 64 -22.81 -8.08 1.38
CA PRO B 64 -23.33 -8.76 0.19
C PRO B 64 -22.36 -9.77 -0.44
N ARG B 65 -22.93 -10.79 -1.09
CA ARG B 65 -22.17 -11.85 -1.72
C ARG B 65 -21.33 -11.34 -2.89
N ARG B 66 -20.02 -11.58 -2.82
CA ARG B 66 -19.11 -11.21 -3.89
C ARG B 66 -18.33 -12.43 -4.36
N LEU B 67 -18.03 -12.44 -5.66
CA LEU B 67 -17.25 -13.52 -6.25
C LEU B 67 -15.85 -13.55 -5.64
N ALA B 68 -15.42 -14.74 -5.24
CA ALA B 68 -14.10 -14.97 -4.68
C ALA B 68 -13.60 -16.34 -5.09
N TYR B 69 -12.29 -16.49 -5.11
CA TYR B 69 -11.61 -17.73 -5.45
C TYR B 69 -10.83 -18.21 -4.23
N ASP B 70 -11.08 -19.44 -3.83
CA ASP B 70 -10.37 -20.08 -2.73
C ASP B 70 -9.52 -21.19 -3.33
N SER B 71 -8.19 -21.02 -3.24
CA SER B 71 -7.29 -22.02 -3.82
C SER B 71 -7.34 -23.33 -3.07
N ARG B 72 -7.80 -23.29 -1.85
CA ARG B 72 -7.84 -24.42 -1.01
C ARG B 72 -6.49 -24.69 -0.42
N LEU B 73 -5.53 -23.83 -0.63
CA LEU B 73 -4.21 -23.93 -0.04
C LEU B 73 -3.84 -22.68 0.77
N GLY B 74 -4.82 -21.85 1.11
CA GLY B 74 -4.58 -20.62 1.85
C GLY B 74 -4.57 -19.37 1.00
N LEU B 75 -4.48 -19.49 -0.32
CA LEU B 75 -4.47 -18.35 -1.22
C LEU B 75 -5.90 -18.02 -1.65
N TRP B 76 -6.24 -16.73 -1.62
CA TRP B 76 -7.54 -16.22 -2.04
C TRP B 76 -7.33 -15.18 -3.12
N LEU B 77 -8.27 -15.12 -4.06
CA LEU B 77 -8.37 -14.05 -5.04
C LEU B 77 -9.73 -13.38 -4.85
N SER B 78 -9.75 -12.06 -4.69
CA SER B 78 -10.99 -11.35 -4.41
C SER B 78 -11.03 -10.01 -5.13
N ASP B 79 -12.15 -9.36 -5.07
CA ASP B 79 -12.36 -8.07 -5.65
C ASP B 79 -12.06 -8.03 -7.14
N PHE B 80 -12.53 -9.01 -7.88
CA PHE B 80 -12.20 -9.13 -9.29
C PHE B 80 -12.67 -7.89 -10.05
N ILE B 81 -11.78 -7.35 -10.88
CA ILE B 81 -12.12 -6.25 -11.79
C ILE B 81 -11.79 -6.76 -13.18
N MET B 82 -12.82 -7.07 -13.96
CA MET B 82 -12.61 -7.63 -15.29
C MET B 82 -12.13 -6.53 -16.22
N LEU B 83 -11.06 -6.78 -16.92
CA LEU B 83 -10.50 -5.82 -17.81
C LEU B 83 -10.89 -5.95 -19.24
N ASP B 84 -11.77 -6.89 -19.54
CA ASP B 84 -12.33 -7.04 -20.86
C ASP B 84 -13.70 -6.43 -20.72
N ASN B 85 -14.12 -5.60 -21.65
CA ASN B 85 -15.43 -4.99 -21.51
C ASN B 85 -16.58 -5.84 -21.97
N ASN B 86 -16.34 -6.81 -22.80
CA ASN B 86 -17.44 -7.59 -23.25
C ASN B 86 -17.98 -8.51 -22.20
N LYS B 87 -19.24 -8.81 -22.30
CA LYS B 87 -19.89 -9.72 -21.40
C LYS B 87 -19.85 -11.06 -22.07
N PRO B 88 -19.58 -12.10 -21.32
CA PRO B 88 -19.52 -13.42 -21.88
C PRO B 88 -20.86 -13.95 -22.32
N LYS B 89 -20.87 -14.66 -23.42
CA LYS B 89 -22.06 -15.26 -23.92
C LYS B 89 -22.53 -16.35 -23.00
N ASN B 90 -21.63 -17.20 -22.57
CA ASN B 90 -22.03 -18.24 -21.65
C ASN B 90 -21.38 -18.09 -20.30
N MET B 91 -22.20 -18.08 -19.25
CA MET B 91 -21.66 -17.78 -17.92
C MET B 91 -20.86 -18.94 -17.32
N GLU B 92 -21.32 -20.18 -17.44
CA GLU B 92 -20.61 -21.28 -16.77
C GLU B 92 -19.27 -21.57 -17.43
N ASP B 93 -19.18 -21.41 -18.75
CA ASP B 93 -17.88 -21.53 -19.41
C ASP B 93 -16.97 -20.36 -19.01
N TRP B 94 -17.55 -19.17 -18.80
CA TRP B 94 -16.77 -18.05 -18.28
C TRP B 94 -16.23 -18.36 -16.90
N LEU B 95 -17.06 -18.96 -16.03
CA LEU B 95 -16.61 -19.35 -14.70
C LEU B 95 -15.52 -20.41 -14.78
N GLY B 96 -15.67 -21.36 -15.71
CA GLY B 96 -14.63 -22.37 -15.88
C GLY B 96 -13.30 -21.79 -16.32
N GLN B 97 -13.33 -20.84 -17.26
CA GLN B 97 -12.09 -20.19 -17.70
C GLN B 97 -11.48 -19.34 -16.60
N LEU B 98 -12.31 -18.63 -15.85
CA LEU B 98 -11.82 -17.83 -14.73
C LEU B 98 -11.18 -18.72 -13.67
N LYS B 99 -11.82 -19.85 -13.38
CA LYS B 99 -11.28 -20.81 -12.42
C LYS B 99 -9.96 -21.40 -12.89
N ALA B 100 -9.85 -21.73 -14.19
CA ALA B 100 -8.60 -22.27 -14.70
C ALA B 100 -7.47 -21.26 -14.57
N ALA B 101 -7.77 -19.99 -14.91
CA ALA B 101 -6.77 -18.94 -14.76
C ALA B 101 -6.37 -18.77 -13.30
N CYS B 102 -7.34 -18.83 -12.38
CA CYS B 102 -7.01 -18.71 -10.96
C CYS B 102 -6.14 -19.85 -10.46
N ASP B 103 -6.41 -21.10 -10.90
CA ASP B 103 -5.53 -22.20 -10.49
C ASP B 103 -4.11 -21.97 -11.00
N ARG B 104 -3.98 -21.52 -12.26
CA ARG B 104 -2.64 -21.23 -12.78
C ARG B 104 -1.96 -20.12 -11.97
N ILE B 105 -2.71 -19.09 -11.61
CA ILE B 105 -2.15 -17.98 -10.83
C ILE B 105 -1.70 -18.46 -9.45
N ALA B 106 -2.48 -19.32 -8.81
CA ALA B 106 -2.09 -19.82 -7.49
C ALA B 106 -0.82 -20.67 -7.57
N ALA B 107 -0.73 -21.54 -8.58
CA ALA B 107 0.48 -22.35 -8.73
C ALA B 107 1.70 -21.48 -9.04
N ASP B 108 1.52 -20.45 -9.87
CA ASP B 108 2.63 -19.54 -10.17
C ASP B 108 3.09 -18.82 -8.91
N ASP B 109 2.13 -18.45 -8.06
CA ASP B 109 2.51 -17.80 -6.80
C ASP B 109 3.30 -18.76 -5.93
N LEU B 110 2.89 -20.02 -5.89
CA LEU B 110 3.65 -21.00 -5.13
C LEU B 110 5.06 -21.13 -5.70
N MET B 111 5.25 -20.97 -6.97
CA MET B 111 6.55 -21.06 -7.56
C MET B 111 7.46 -19.87 -7.25
N LEU B 112 6.92 -18.79 -6.78
CA LEU B 112 7.71 -17.64 -6.50
C LEU B 112 8.75 -17.88 -5.45
N ASN B 113 8.38 -18.59 -4.41
CA ASN B 113 9.28 -18.89 -3.30
C ASN B 113 10.35 -19.82 -3.74
N GLU B 114 9.95 -20.82 -4.45
CA GLU B 114 10.91 -21.74 -4.97
C GLU B 114 11.94 -21.00 -5.77
N ASP B 115 11.50 -20.15 -6.66
CA ASP B 115 12.43 -19.37 -7.48
C ASP B 115 13.41 -18.60 -6.61
N ALA B 116 12.91 -17.97 -5.55
CA ALA B 116 13.78 -17.20 -4.68
C ALA B 116 14.81 -18.08 -3.98
N ALA B 117 14.44 -19.31 -3.65
CA ALA B 117 15.39 -20.24 -3.06
C ALA B 117 16.46 -20.66 -4.07
N ASP B 118 16.03 -21.09 -5.26
CA ASP B 118 16.95 -21.51 -6.32
C ASP B 118 17.55 -20.32 -7.07
N MET C 2 7.87 -4.67 8.42
CA MET C 2 6.97 -4.22 7.38
C MET C 2 5.64 -4.92 7.45
N SER C 3 5.61 -6.24 7.55
CA SER C 3 4.33 -6.91 7.67
C SER C 3 3.61 -6.49 8.94
N LYS C 4 4.32 -6.36 10.05
CA LYS C 4 3.75 -5.92 11.31
C LYS C 4 3.26 -4.52 11.18
N ASN C 5 4.02 -3.71 10.50
CA ASN C 5 3.63 -2.37 10.30
C ASN C 5 2.37 -2.23 9.52
N ASN C 6 2.16 -3.07 8.54
CA ASN C 6 0.96 -2.97 7.80
C ASN C 6 -0.24 -3.33 8.62
N ILE C 7 -0.13 -4.23 9.53
CA ILE C 7 -1.24 -4.54 10.43
C ILE C 7 -1.52 -3.37 11.35
N PHE C 8 -0.48 -2.64 11.78
CA PHE C 8 -0.72 -1.44 12.58
C PHE C 8 -1.57 -0.45 11.80
N ASN C 9 -1.38 -0.38 10.49
CA ASN C 9 -2.16 0.52 9.66
C ASN C 9 -3.66 0.24 9.70
N LYS C 10 -4.09 -0.94 10.13
CA LYS C 10 -5.50 -1.22 10.35
C LYS C 10 -6.09 -0.56 11.60
N TYR C 11 -5.25 0.01 12.47
CA TYR C 11 -5.71 0.61 13.72
C TYR C 11 -5.85 2.11 13.59
N PRO C 12 -6.67 2.74 14.42
CA PRO C 12 -6.63 4.19 14.52
C PRO C 12 -5.25 4.64 14.97
N THR C 13 -4.91 5.87 14.58
CA THR C 13 -3.57 6.38 14.84
C THR C 13 -3.30 6.53 16.33
N ILE C 14 -4.27 7.04 17.08
CA ILE C 14 -4.08 7.32 18.50
C ILE C 14 -5.07 6.46 19.28
N ILE C 15 -4.55 5.66 20.22
CA ILE C 15 -5.38 4.82 21.07
C ILE C 15 -5.12 5.23 22.51
N HIS C 16 -6.19 5.53 23.26
CA HIS C 16 -6.10 5.92 24.65
C HIS C 16 -6.47 4.74 25.52
N GLY C 17 -5.58 4.37 26.44
CA GLY C 17 -5.78 3.22 27.30
C GLY C 17 -5.97 3.58 28.76
N GLU C 18 -6.62 2.69 29.48
CA GLU C 18 -6.79 2.78 30.92
C GLU C 18 -6.59 1.37 31.48
N ALA C 19 -6.25 1.29 32.77
CA ALA C 19 -6.10 0.01 33.43
C ALA C 19 -6.76 0.06 34.80
N ARG C 20 -7.41 -1.05 35.15
CA ARG C 20 -8.05 -1.14 36.45
C ARG C 20 -7.01 -1.02 37.57
N GLY C 21 -7.36 -0.27 38.60
CA GLY C 21 -6.44 -0.03 39.69
C GLY C 21 -5.40 1.05 39.46
N GLU C 22 -5.43 1.74 38.31
CA GLU C 22 -4.42 2.74 37.99
C GLU C 22 -5.06 4.09 37.70
N ASN C 23 -4.40 5.16 38.17
CA ASN C 23 -4.79 6.51 37.81
C ASN C 23 -4.04 7.00 36.59
N ASP C 24 -2.84 6.49 36.35
CA ASP C 24 -2.16 6.76 35.10
C ASP C 24 -2.94 6.09 33.96
N GLU C 25 -2.89 6.74 32.81
CA GLU C 25 -3.49 6.27 31.57
C GLU C 25 -2.37 5.88 30.61
N PHE C 26 -2.74 5.37 29.46
CA PHE C 26 -1.77 4.84 28.52
C PHE C 26 -2.09 5.29 27.12
N VAL C 27 -1.13 5.17 26.22
CA VAL C 27 -1.36 5.56 24.84
C VAL C 27 -0.60 4.63 23.90
N VAL C 28 -1.21 4.33 22.75
CA VAL C 28 -0.57 3.60 21.68
C VAL C 28 -0.63 4.46 20.43
N HIS C 29 0.53 4.68 19.81
CA HIS C 29 0.64 5.40 18.55
C HIS C 29 0.98 4.35 17.50
N THR C 30 0.07 4.15 16.55
CA THR C 30 0.14 3.11 15.54
C THR C 30 0.70 3.60 14.20
N ARG C 31 1.07 4.87 14.09
CA ARG C 31 1.76 5.39 12.93
C ARG C 31 3.19 5.71 13.32
N TYR C 32 4.05 5.82 12.32
CA TYR C 32 5.46 6.08 12.58
C TYR C 32 5.63 7.43 13.28
N PRO C 33 6.46 7.50 14.33
CA PRO C 33 7.07 6.35 15.00
C PRO C 33 6.06 5.71 15.95
N ARG C 34 5.93 4.38 15.89
CA ARG C 34 4.95 3.68 16.70
C ARG C 34 5.47 3.41 18.11
N PHE C 35 4.59 3.59 19.09
CA PHE C 35 5.05 3.33 20.45
C PHE C 35 3.89 3.08 21.40
N LEU C 36 4.27 2.65 22.60
CA LEU C 36 3.40 2.56 23.76
C LEU C 36 4.00 3.49 24.80
N ALA C 37 3.15 4.25 25.47
CA ALA C 37 3.64 5.19 26.46
C ALA C 37 2.64 5.28 27.60
N ARG C 38 3.13 5.76 28.74
CA ARG C 38 2.31 6.04 29.89
C ARG C 38 1.93 7.51 29.81
N LYS C 39 0.64 7.80 29.94
CA LYS C 39 0.10 9.15 29.88
C LYS C 39 -0.37 9.50 31.29
N SER C 40 0.36 10.42 31.94
CA SER C 40 0.10 10.78 33.33
C SER C 40 -0.15 12.28 33.43
N PHE C 41 -0.87 12.69 34.47
CA PHE C 41 -1.33 14.07 34.58
C PHE C 41 -0.87 14.72 35.88
N ASP C 42 -0.46 15.98 35.79
CA ASP C 42 -0.13 16.78 36.96
C ASP C 42 -1.39 17.00 37.80
N ASP C 43 -1.19 17.35 39.07
CA ASP C 43 -2.32 17.68 39.93
C ASP C 43 -3.10 18.88 39.40
N ASN C 44 -2.38 19.89 38.91
CA ASN C 44 -2.98 21.12 38.39
C ASN C 44 -3.74 20.94 37.07
N PHE C 45 -3.64 19.76 36.44
CA PHE C 45 -4.21 19.52 35.11
C PHE C 45 -5.68 19.92 35.04
N THR C 46 -6.01 20.79 34.07
CA THR C 46 -7.38 21.25 33.88
C THR C 46 -8.13 20.46 32.80
N GLY C 47 -7.48 20.18 31.67
CA GLY C 47 -8.10 19.47 30.57
C GLY C 47 -8.89 20.33 29.60
N GLU C 48 -8.94 21.64 29.83
CA GLU C 48 -9.49 22.66 28.92
C GLU C 48 -8.53 22.94 27.79
N MET C 49 -9.11 23.09 26.60
CA MET C 49 -8.30 23.26 25.39
C MET C 49 -7.51 24.55 25.43
N PRO C 50 -6.26 24.55 24.97
CA PRO C 50 -5.47 25.77 24.95
C PRO C 50 -5.83 26.64 23.75
N ALA C 51 -5.52 27.91 23.89
CA ALA C 51 -5.80 28.84 22.81
C ALA C 51 -4.95 28.52 21.56
N LYS C 52 -3.67 28.23 21.75
CA LYS C 52 -2.70 27.90 20.70
C LYS C 52 -2.57 26.38 20.56
N PRO C 53 -2.02 25.89 19.44
CA PRO C 53 -1.80 24.44 19.33
C PRO C 53 -0.81 23.98 20.39
N VAL C 54 -1.02 22.75 20.87
CA VAL C 54 -0.14 22.17 21.89
C VAL C 54 1.30 22.20 21.40
N ASN C 55 2.19 22.71 22.26
CA ASN C 55 3.62 22.76 21.95
C ASN C 55 4.40 22.26 23.16
N GLY C 56 4.57 20.94 23.24
CA GLY C 56 5.29 20.32 24.33
C GLY C 56 6.79 20.27 24.04
N GLU C 57 7.53 19.68 24.97
CA GLU C 57 8.95 19.43 24.75
C GLU C 57 9.34 18.02 25.17
N LEU C 58 10.29 17.44 24.48
CA LEU C 58 10.84 16.17 24.83
C LEU C 58 12.06 16.43 25.73
N GLY C 59 12.30 15.62 26.73
CA GLY C 59 13.40 15.82 27.66
C GLY C 59 13.78 14.59 28.44
N GLN C 60 14.77 14.68 29.30
CA GLN C 60 15.12 13.55 30.14
C GLN C 60 14.63 13.76 31.55
N ILE C 61 14.16 12.75 32.22
CA ILE C 61 13.70 12.90 33.59
C ILE C 61 14.11 11.77 34.48
N GLY C 62 14.22 12.02 35.77
CA GLY C 62 14.56 10.97 36.70
C GLY C 62 16.05 10.66 36.74
N GLU C 63 16.37 9.73 37.62
CA GLU C 63 17.73 9.22 37.76
C GLU C 63 17.57 7.70 37.81
N PRO C 64 18.03 6.96 36.80
CA PRO C 64 18.65 7.41 35.54
C PRO C 64 17.71 8.18 34.59
N ARG C 65 18.30 9.07 33.82
CA ARG C 65 17.57 9.91 32.87
C ARG C 65 16.87 9.08 31.80
N ARG C 66 15.56 9.26 31.69
CA ARG C 66 14.75 8.60 30.67
C ARG C 66 13.99 9.62 29.86
N LEU C 67 13.77 9.29 28.57
CA LEU C 67 13.04 10.16 27.67
C LEU C 67 11.60 10.35 28.14
N ALA C 68 11.16 11.60 28.16
CA ALA C 68 9.81 11.95 28.55
C ALA C 68 9.34 13.13 27.73
N TYR C 69 8.03 13.23 27.59
CA TYR C 69 7.38 14.31 26.89
C TYR C 69 6.54 15.10 27.89
N ASP C 70 6.77 16.40 27.94
CA ASP C 70 6.02 17.31 28.80
C ASP C 70 5.16 18.15 27.88
N SER C 71 3.84 17.98 27.96
CA SER C 71 2.94 18.75 27.12
C SER C 71 2.94 20.22 27.45
N ARG C 72 3.36 20.61 28.61
CA ARG C 72 3.29 21.97 29.01
C ARG C 72 1.93 22.35 29.42
N LEU C 73 1.04 21.39 29.52
CA LEU C 73 -0.33 21.62 29.98
C LEU C 73 -0.73 20.62 31.06
N GLY C 74 0.23 19.95 31.68
CA GLY C 74 -0.06 18.99 32.73
C GLY C 74 -0.04 17.54 32.30
N LEU C 75 -0.08 17.27 30.99
CA LEU C 75 -0.04 15.91 30.46
C LEU C 75 1.41 15.51 30.18
N TRP C 76 1.79 14.30 30.59
CA TRP C 76 3.11 13.74 30.37
C TRP C 76 3.00 12.39 29.64
N LEU C 77 3.98 12.12 28.79
CA LEU C 77 4.17 10.81 28.17
C LEU C 77 5.54 10.29 28.58
N SER C 78 5.58 9.08 29.13
CA SER C 78 6.81 8.51 29.69
C SER C 78 6.88 7.01 29.41
N ASP C 79 7.99 6.42 29.78
CA ASP C 79 8.20 5.02 29.64
C ASP C 79 7.90 4.55 28.27
N PHE C 80 8.48 5.20 27.27
CA PHE C 80 8.25 4.92 25.89
C PHE C 80 8.72 3.60 25.35
N ILE C 81 7.86 2.89 24.71
CA ILE C 81 8.27 1.68 24.10
C ILE C 81 8.00 1.71 22.63
N MET C 82 9.07 1.63 21.92
CA MET C 82 8.98 1.61 20.55
C MET C 82 8.76 0.29 19.96
N LEU C 83 7.68 0.39 19.20
CA LEU C 83 7.07 -0.65 18.48
C LEU C 83 7.53 -0.87 17.11
N ASP C 84 8.47 -0.08 16.67
CA ASP C 84 9.14 -0.32 15.41
C ASP C 84 10.52 -0.82 15.77
N ASN C 85 10.92 -1.94 15.19
CA ASN C 85 12.28 -2.37 15.41
C ASN C 85 13.25 -1.61 14.53
N ASN C 86 12.75 -0.70 13.75
CA ASN C 86 13.59 0.07 12.91
C ASN C 86 14.37 1.06 13.72
N LYS C 87 15.68 1.10 13.52
CA LYS C 87 16.51 2.06 14.22
C LYS C 87 16.63 3.26 13.31
N PRO C 88 16.27 4.47 13.74
CA PRO C 88 16.27 5.61 12.81
C PRO C 88 17.65 6.03 12.35
N LYS C 89 17.74 6.42 11.09
CA LYS C 89 18.97 6.92 10.58
C LYS C 89 19.39 8.27 11.15
N ASN C 90 18.47 9.20 11.31
CA ASN C 90 18.86 10.47 11.86
C ASN C 90 18.08 10.70 13.09
N MET C 91 18.78 10.93 14.16
CA MET C 91 18.17 11.13 15.43
C MET C 91 17.32 12.34 15.58
N GLU C 92 17.76 13.48 15.11
CA GLU C 92 16.93 14.67 15.25
C GLU C 92 15.60 14.57 14.48
N ASP C 93 15.59 13.93 13.33
CA ASP C 93 14.35 13.81 12.61
C ASP C 93 13.39 12.97 13.42
N TRP C 94 13.86 11.89 14.01
CA TRP C 94 13.08 11.01 14.84
C TRP C 94 12.57 11.76 16.03
N LEU C 95 13.38 12.56 16.64
CA LEU C 95 12.93 13.30 17.76
C LEU C 95 11.85 14.27 17.38
N GLY C 96 12.01 14.93 16.25
CA GLY C 96 11.02 15.84 15.80
C GLY C 96 9.74 15.15 15.49
N GLN C 97 9.79 14.00 14.88
CA GLN C 97 8.61 13.29 14.60
C GLN C 97 7.92 12.79 15.82
N LEU C 98 8.70 12.36 16.79
CA LEU C 98 8.13 11.91 18.05
C LEU C 98 7.46 13.06 18.78
N LYS C 99 8.11 14.24 18.79
CA LYS C 99 7.52 15.41 19.44
C LYS C 99 6.20 15.81 18.78
N ALA C 100 6.16 15.77 17.45
CA ALA C 100 4.92 16.13 16.75
C ALA C 100 3.81 15.14 17.07
N ALA C 101 4.13 13.85 17.09
CA ALA C 101 3.13 12.83 17.44
C ALA C 101 2.65 13.01 18.87
N CYS C 102 3.56 13.35 19.79
CA CYS C 102 3.16 13.57 21.18
C CYS C 102 2.24 14.78 21.30
N ASP C 103 2.53 15.86 20.58
CA ASP C 103 1.64 17.02 20.58
C ASP C 103 0.26 16.63 20.07
N ARG C 104 0.21 15.83 19.00
CA ARG C 104 -1.06 15.36 18.49
C ARG C 104 -1.80 14.54 19.54
N ILE C 105 -1.08 13.66 20.24
CA ILE C 105 -1.69 12.81 21.26
C ILE C 105 -2.27 13.65 22.40
N ALA C 106 -1.55 14.69 22.80
CA ALA C 106 -2.05 15.54 23.89
C ALA C 106 -3.32 16.28 23.46
N ALA C 107 -3.33 16.84 22.24
CA ALA C 107 -4.55 17.51 21.79
C ALA C 107 -5.70 16.53 21.65
N ASP C 108 -5.41 15.33 21.16
CA ASP C 108 -6.45 14.31 21.03
C ASP C 108 -7.01 13.93 22.40
N ASP C 109 -6.15 13.87 23.43
CA ASP C 109 -6.62 13.59 24.77
C ASP C 109 -7.52 14.70 25.28
N LEU C 110 -7.15 15.95 25.00
CA LEU C 110 -8.00 17.07 25.41
C LEU C 110 -9.37 17.00 24.75
N MET C 111 -9.45 16.42 23.55
CA MET C 111 -10.76 16.27 22.91
C MET C 111 -11.69 15.29 23.62
N LEU C 112 -11.18 14.41 24.49
CA LEU C 112 -12.03 13.41 25.13
C LEU C 112 -13.04 14.01 26.10
N ASN C 113 -12.63 15.00 26.90
CA ASN C 113 -13.55 15.61 27.86
C ASN C 113 -14.66 16.34 27.11
N GLU C 114 -14.30 16.99 26.02
CA GLU C 114 -15.30 17.67 25.21
C GLU C 114 -16.23 16.72 24.48
N ASP C 115 -15.73 15.58 24.05
CA ASP C 115 -16.62 14.62 23.43
C ASP C 115 -17.63 14.18 24.44
N ALA C 116 -17.23 13.90 25.68
CA ALA C 116 -18.19 13.46 26.68
C ALA C 116 -19.20 14.51 27.00
N ALA C 117 -18.79 15.77 27.03
CA ALA C 117 -19.76 16.80 27.27
C ALA C 117 -20.79 16.80 26.15
N ASP C 118 -20.38 16.67 24.89
CA ASP C 118 -21.36 16.56 23.80
C ASP C 118 -22.26 15.33 23.94
N LEU C 119 -21.71 14.20 24.30
CA LEU C 119 -22.56 13.04 24.44
C LEU C 119 -23.58 13.22 25.53
#